data_3S8Y
#
_entry.id   3S8Y
#
_cell.length_a   44.532
_cell.length_b   84.451
_cell.length_c   88.051
_cell.angle_alpha   90.00
_cell.angle_beta   90.00
_cell.angle_gamma   90.00
#
_symmetry.space_group_name_H-M   'P 2 21 21'
#
loop_
_entity.id
_entity.type
_entity.pdbx_description
1 polymer 'Esterase APC40077'
2 non-polymer 'BROMIDE ION'
3 water water
#
_entity_poly.entity_id   1
_entity_poly.type   'polypeptide(L)'
_entity_poly.pdbx_seq_one_letter_code
;GMSIENLSSNKSFGGWHKQYSHVSNTLNCAMRFAIYLPPQASTGAKVPVLYWLSGLTCSDENFMQKAGAQRLAAELGIAI
VAPDTSPRGEGVADDEGYDLGQGAGFYVNATQAPWNRHYQMYDYVVNELPELIESMFPVSDKRAIAGHSMGGHGALTIAL
RNPERYQSVSAFSPINNPVNCPWGQKAFTAYLGKDTDTWREYDASLLMRAAKQYVPALVDQGEADNFLAEQLKPEVLEAA
ASSNNYPLELRSHEGYDHSYYFIASFIEDHLRFHSNYLNA
;
_entity_poly.pdbx_strand_id   A
#
loop_
_chem_comp.id
_chem_comp.type
_chem_comp.name
_chem_comp.formula
BR non-polymer 'BROMIDE ION' 'Br -1'
#
# COMPACT_ATOMS: atom_id res chain seq x y z
N SER A 3 11.96 -19.46 10.57
CA SER A 3 11.82 -18.62 9.40
C SER A 3 10.58 -17.74 9.49
N ILE A 4 9.68 -18.08 10.43
CA ILE A 4 8.38 -17.41 10.61
C ILE A 4 7.94 -17.49 12.06
N GLU A 5 7.57 -16.36 12.64
CA GLU A 5 7.14 -16.32 14.03
C GLU A 5 5.88 -15.49 14.19
N ASN A 6 4.86 -16.07 14.79
CA ASN A 6 3.63 -15.35 15.14
C ASN A 6 3.92 -14.58 16.44
N LEU A 7 3.88 -13.26 16.36
CA LEU A 7 4.26 -12.39 17.48
C LEU A 7 3.09 -11.99 18.38
N SER A 8 1.91 -11.86 17.79
CA SER A 8 0.74 -11.51 18.58
C SER A 8 -0.53 -12.00 17.91
N SER A 9 -1.58 -12.14 18.71
CA SER A 9 -2.86 -12.60 18.22
C SER A 9 -3.94 -11.94 19.07
N ASN A 10 -4.78 -11.12 18.44
CA ASN A 10 -5.81 -10.39 19.16
C ASN A 10 -7.16 -10.59 18.49
N LYS A 11 -8.13 -11.11 19.22
CA LYS A 11 -9.44 -11.29 18.66
C LYS A 11 -10.05 -9.93 18.32
N SER A 12 -10.70 -9.84 17.18
CA SER A 12 -11.24 -8.56 16.72
C SER A 12 -12.49 -8.81 15.90
N PHE A 13 -13.63 -8.33 16.40
CA PHE A 13 -14.93 -8.54 15.74
C PHE A 13 -15.17 -9.99 15.30
N GLY A 14 -14.81 -10.94 16.16
CA GLY A 14 -15.01 -12.36 15.88
C GLY A 14 -13.92 -12.98 15.03
N GLY A 15 -13.08 -12.16 14.41
CA GLY A 15 -11.94 -12.64 13.66
C GLY A 15 -10.67 -12.41 14.45
N TRP A 16 -9.54 -12.43 13.77
CA TRP A 16 -8.25 -12.33 14.44
C TRP A 16 -7.27 -11.41 13.74
N HIS A 17 -6.72 -10.48 14.52
CA HIS A 17 -5.57 -9.72 14.08
C HIS A 17 -4.33 -10.47 14.55
N LYS A 18 -3.42 -10.78 13.62
CA LYS A 18 -2.19 -11.48 13.97
C LYS A 18 -0.99 -10.79 13.35
N GLN A 19 0.08 -10.66 14.13
CA GLN A 19 1.31 -10.06 13.63
C GLN A 19 2.37 -11.12 13.50
N TYR A 20 3.17 -10.99 12.44
CA TYR A 20 4.23 -11.95 12.21
C TYR A 20 5.57 -11.28 11.97
N SER A 21 6.63 -12.04 12.26
CA SER A 21 7.96 -11.72 11.78
C SER A 21 8.44 -12.90 10.94
N HIS A 22 9.22 -12.62 9.91
CA HIS A 22 9.80 -13.67 9.09
C HIS A 22 11.08 -13.17 8.46
N VAL A 23 11.93 -14.08 8.00
CA VAL A 23 13.12 -13.71 7.26
C VAL A 23 12.76 -13.52 5.79
N SER A 24 12.91 -12.30 5.31
CA SER A 24 12.58 -11.98 3.93
C SER A 24 13.78 -12.24 3.02
N ASN A 25 13.58 -13.01 1.95
CA ASN A 25 14.65 -13.23 0.97
C ASN A 25 14.88 -12.04 0.03
N THR A 26 13.83 -11.27 -0.26
CA THR A 26 13.98 -10.12 -1.16
C THR A 26 14.62 -8.94 -0.43
N LEU A 27 14.32 -8.80 0.86
CA LEU A 27 14.83 -7.68 1.63
C LEU A 27 16.09 -8.06 2.41
N ASN A 28 16.37 -9.35 2.49
CA ASN A 28 17.52 -9.87 3.22
C ASN A 28 17.55 -9.38 4.66
N CYS A 29 16.42 -9.50 5.34
CA CYS A 29 16.35 -9.10 6.74
C CYS A 29 15.04 -9.57 7.36
N ALA A 30 14.90 -9.40 8.67
CA ALA A 30 13.66 -9.74 9.34
C ALA A 30 12.58 -8.69 9.06
N MET A 31 11.41 -9.13 8.63
CA MET A 31 10.30 -8.23 8.29
C MET A 31 9.07 -8.54 9.10
N ARG A 32 8.29 -7.52 9.38
CA ARG A 32 7.05 -7.71 10.12
C ARG A 32 5.87 -7.38 9.24
N PHE A 33 4.84 -8.21 9.30
CA PHE A 33 3.59 -7.86 8.64
C PHE A 33 2.44 -8.23 9.57
N ALA A 34 1.28 -7.61 9.37
CA ALA A 34 0.11 -7.96 10.14
C ALA A 34 -0.99 -8.42 9.20
N ILE A 35 -1.85 -9.30 9.70
CA ILE A 35 -2.99 -9.76 8.92
C ILE A 35 -4.24 -9.71 9.76
N TYR A 36 -5.36 -9.38 9.12
CA TYR A 36 -6.63 -9.57 9.78
C TYR A 36 -7.37 -10.69 9.06
N LEU A 37 -7.73 -11.72 9.83
CA LEU A 37 -8.48 -12.86 9.32
C LEU A 37 -9.92 -12.74 9.78
N PRO A 38 -10.86 -12.63 8.84
CA PRO A 38 -12.28 -12.50 9.23
C PRO A 38 -12.81 -13.82 9.81
N PRO A 39 -14.00 -13.79 10.45
CA PRO A 39 -14.60 -15.01 11.03
C PRO A 39 -14.68 -16.17 10.02
N GLN A 40 -14.91 -15.85 8.75
CA GLN A 40 -15.06 -16.86 7.71
C GLN A 40 -13.80 -17.71 7.60
N ALA A 41 -12.65 -17.15 7.95
CA ALA A 41 -11.39 -17.89 7.85
C ALA A 41 -11.30 -19.05 8.85
N SER A 42 -12.13 -19.02 9.89
CA SER A 42 -12.13 -20.05 10.92
C SER A 42 -13.03 -21.24 10.58
N THR A 43 -13.71 -21.19 9.43
CA THR A 43 -14.73 -22.17 9.09
C THR A 43 -14.26 -23.23 8.10
N GLY A 44 -13.11 -23.00 7.48
CA GLY A 44 -12.66 -23.83 6.37
C GLY A 44 -12.73 -23.11 5.03
N ALA A 45 -13.48 -22.00 4.99
CA ALA A 45 -13.61 -21.24 3.76
C ALA A 45 -12.30 -20.52 3.44
N LYS A 46 -12.05 -20.29 2.16
CA LYS A 46 -10.97 -19.41 1.70
C LYS A 46 -11.52 -18.01 1.43
N VAL A 47 -10.81 -17.00 1.90
CA VAL A 47 -11.22 -15.61 1.72
C VAL A 47 -10.27 -14.85 0.77
N PRO A 48 -10.79 -13.79 0.12
CA PRO A 48 -9.92 -12.91 -0.67
C PRO A 48 -9.03 -12.03 0.22
N VAL A 49 -7.99 -11.44 -0.36
CA VAL A 49 -7.04 -10.59 0.38
C VAL A 49 -6.95 -9.17 -0.18
N LEU A 50 -7.07 -8.19 0.70
CA LEU A 50 -6.75 -6.81 0.38
C LEU A 50 -5.40 -6.51 1.02
N TYR A 51 -4.40 -6.18 0.21
CA TYR A 51 -3.11 -5.71 0.73
C TYR A 51 -3.21 -4.21 1.00
N TRP A 52 -2.86 -3.79 2.21
CA TRP A 52 -2.92 -2.38 2.56
C TRP A 52 -1.52 -1.85 2.75
N LEU A 53 -1.18 -0.78 2.03
CA LEU A 53 0.16 -0.20 2.07
C LEU A 53 0.12 1.12 2.82
N SER A 54 0.92 1.21 3.87
CA SER A 54 0.88 2.39 4.73
C SER A 54 1.88 3.43 4.28
N GLY A 55 1.75 4.63 4.85
CA GLY A 55 2.56 5.78 4.45
C GLY A 55 3.74 6.04 5.35
N LEU A 56 4.30 7.23 5.20
CA LEU A 56 5.50 7.63 5.90
C LEU A 56 5.40 7.45 7.41
N THR A 57 6.44 6.85 7.98
CA THR A 57 6.60 6.65 9.43
C THR A 57 5.73 5.54 10.00
N CYS A 58 4.88 4.92 9.18
CA CYS A 58 4.03 3.86 9.69
C CYS A 58 4.77 2.55 9.81
N SER A 59 4.30 1.71 10.74
CA SER A 59 4.72 0.32 10.81
C SER A 59 3.62 -0.52 10.17
N ASP A 60 3.64 -1.82 10.44
CA ASP A 60 2.61 -2.74 9.96
C ASP A 60 1.32 -2.70 10.79
N GLU A 61 1.32 -1.90 11.86
CA GLU A 61 0.20 -1.88 12.82
C GLU A 61 -0.73 -0.66 12.75
N ASN A 62 -0.26 0.47 12.24
CA ASN A 62 -1.05 1.71 12.25
C ASN A 62 -2.46 1.50 11.71
N PHE A 63 -2.55 0.94 10.51
CA PHE A 63 -3.83 0.75 9.86
C PHE A 63 -4.71 -0.21 10.67
N MET A 64 -4.12 -1.32 11.09
CA MET A 64 -4.84 -2.31 11.87
C MET A 64 -5.47 -1.69 13.11
N GLN A 65 -4.74 -0.78 13.75
CA GLN A 65 -5.19 -0.18 14.99
C GLN A 65 -6.14 1.00 14.80
N LYS A 66 -6.00 1.74 13.69
CA LYS A 66 -6.64 3.05 13.58
C LYS A 66 -7.68 3.21 12.47
N ALA A 67 -7.63 2.36 11.45
CA ALA A 67 -8.53 2.56 10.31
C ALA A 67 -9.96 2.09 10.58
N GLY A 68 -10.15 1.26 11.60
CA GLY A 68 -11.46 0.71 11.89
C GLY A 68 -12.03 -0.11 10.74
N ALA A 69 -11.18 -0.87 10.07
CA ALA A 69 -11.61 -1.66 8.92
C ALA A 69 -12.15 -3.03 9.32
N GLN A 70 -11.89 -3.47 10.55
CA GLN A 70 -12.16 -4.87 10.89
C GLN A 70 -13.64 -5.21 10.89
N ARG A 71 -14.50 -4.31 11.37
CA ARG A 71 -15.92 -4.65 11.50
C ARG A 71 -16.52 -5.03 10.15
N LEU A 72 -16.27 -4.21 9.13
CA LEU A 72 -16.81 -4.49 7.80
C LEU A 72 -16.04 -5.61 7.09
N ALA A 73 -14.74 -5.67 7.28
CA ALA A 73 -13.96 -6.78 6.73
C ALA A 73 -14.55 -8.10 7.23
N ALA A 74 -14.95 -8.14 8.50
CA ALA A 74 -15.48 -9.37 9.06
C ALA A 74 -16.83 -9.68 8.41
N GLU A 75 -17.62 -8.66 8.19
CA GLU A 75 -18.93 -8.85 7.57
C GLU A 75 -18.80 -9.30 6.12
N LEU A 76 -17.83 -8.76 5.41
CA LEU A 76 -17.65 -9.07 3.99
C LEU A 76 -16.82 -10.34 3.75
N GLY A 77 -16.10 -10.80 4.78
CA GLY A 77 -15.26 -11.97 4.64
C GLY A 77 -13.99 -11.68 3.84
N ILE A 78 -13.30 -10.58 4.17
CA ILE A 78 -12.09 -10.19 3.46
C ILE A 78 -10.91 -10.17 4.43
N ALA A 79 -9.83 -10.85 4.09
CA ALA A 79 -8.58 -10.71 4.86
C ALA A 79 -7.84 -9.46 4.43
N ILE A 80 -7.21 -8.80 5.38
CA ILE A 80 -6.39 -7.63 5.08
C ILE A 80 -4.98 -7.91 5.56
N VAL A 81 -4.00 -7.72 4.67
CA VAL A 81 -2.60 -7.90 5.00
C VAL A 81 -1.90 -6.55 4.92
N ALA A 82 -1.19 -6.19 5.98
CA ALA A 82 -0.48 -4.91 6.03
C ALA A 82 1.01 -5.12 6.27
N PRO A 83 1.83 -5.05 5.21
CA PRO A 83 3.27 -5.19 5.47
C PRO A 83 3.81 -3.94 6.16
N ASP A 84 5.03 -4.00 6.65
CA ASP A 84 5.71 -2.82 7.16
C ASP A 84 6.01 -1.93 5.96
N THR A 85 6.51 -0.73 6.23
CA THR A 85 6.74 0.23 5.16
C THR A 85 8.19 0.27 4.68
N SER A 86 9.03 -0.55 5.29
CA SER A 86 10.45 -0.63 4.91
C SER A 86 11.06 -1.81 5.64
N PRO A 87 12.27 -2.22 5.24
CA PRO A 87 13.04 -3.11 6.11
C PRO A 87 13.36 -2.37 7.41
N ARG A 88 13.72 -3.09 8.46
CA ARG A 88 13.94 -2.50 9.79
C ARG A 88 15.14 -3.13 10.47
N GLY A 89 15.71 -2.44 11.45
CA GLY A 89 16.82 -2.99 12.22
C GLY A 89 18.12 -2.21 12.13
N GLU A 90 19.03 -2.47 13.07
CA GLU A 90 20.34 -1.84 13.08
C GLU A 90 21.25 -2.31 11.93
N GLY A 91 20.89 -3.44 11.32
CA GLY A 91 21.62 -3.96 10.18
C GLY A 91 21.11 -3.38 8.86
N VAL A 92 20.16 -2.47 8.95
CA VAL A 92 19.53 -1.88 7.77
C VAL A 92 19.73 -0.35 7.77
N ALA A 93 20.13 0.19 6.63
CA ALA A 93 20.43 1.61 6.53
C ALA A 93 19.21 2.46 6.94
N ASP A 94 19.48 3.63 7.48
CA ASP A 94 18.40 4.52 7.90
C ASP A 94 18.80 5.97 7.66
N ASP A 95 17.84 6.86 7.86
CA ASP A 95 18.10 8.28 7.80
C ASP A 95 17.39 8.91 8.97
N GLU A 96 17.89 10.06 9.41
CA GLU A 96 17.29 10.69 10.57
C GLU A 96 15.95 11.34 10.22
N GLY A 97 15.76 11.68 8.95
CA GLY A 97 14.50 12.27 8.51
C GLY A 97 13.34 11.28 8.48
N TYR A 98 12.14 11.78 8.79
CA TYR A 98 10.93 10.97 8.74
C TYR A 98 10.64 10.49 7.32
N ASP A 99 11.21 11.17 6.32
CA ASP A 99 10.80 10.93 4.94
C ASP A 99 11.82 10.16 4.10
N LEU A 100 12.76 9.51 4.78
CA LEU A 100 13.80 8.74 4.09
C LEU A 100 14.22 7.60 5.00
N GLY A 101 14.53 6.45 4.40
CA GLY A 101 15.01 5.33 5.18
C GLY A 101 13.88 4.51 5.80
N GLN A 102 14.02 4.20 7.08
CA GLN A 102 13.05 3.32 7.74
C GLN A 102 11.73 4.07 7.97
N GLY A 103 10.63 3.35 7.81
CA GLY A 103 9.32 3.98 7.72
C GLY A 103 9.09 4.75 6.42
N ALA A 104 10.00 4.60 5.45
CA ALA A 104 9.95 5.39 4.23
C ALA A 104 10.57 4.70 3.00
N GLY A 105 10.22 3.43 2.76
CA GLY A 105 10.80 2.67 1.67
C GLY A 105 10.27 3.00 0.28
N PHE A 106 9.17 3.76 0.23
CA PHE A 106 8.56 4.23 -1.02
C PHE A 106 8.16 3.15 -2.05
N TYR A 107 8.12 1.90 -1.60
CA TYR A 107 7.72 0.78 -2.45
C TYR A 107 8.46 0.75 -3.79
N VAL A 108 9.77 1.02 -3.75
CA VAL A 108 10.62 0.89 -4.92
C VAL A 108 11.70 -0.15 -4.64
N ASN A 109 12.37 -0.60 -5.70
CA ASN A 109 13.57 -1.43 -5.58
C ASN A 109 14.78 -0.52 -5.70
N ALA A 110 15.44 -0.23 -4.59
CA ALA A 110 16.54 0.72 -4.60
C ALA A 110 17.73 0.16 -5.39
N THR A 111 18.37 1.01 -6.17
CA THR A 111 19.55 0.61 -6.94
C THR A 111 20.85 1.23 -6.40
N GLN A 112 20.71 2.18 -5.48
CA GLN A 112 21.86 2.94 -5.00
C GLN A 112 22.32 2.46 -3.62
N ALA A 113 23.64 2.39 -3.43
CA ALA A 113 24.21 2.13 -2.10
C ALA A 113 23.87 3.29 -1.17
N PRO A 114 23.69 3.01 0.12
CA PRO A 114 23.72 1.67 0.74
C PRO A 114 22.32 1.04 0.77
N TRP A 115 21.34 1.72 0.17
CA TRP A 115 19.93 1.30 0.24
C TRP A 115 19.63 -0.01 -0.48
N ASN A 116 20.35 -0.25 -1.58
CA ASN A 116 20.01 -1.39 -2.43
C ASN A 116 20.19 -2.73 -1.72
N ARG A 117 20.92 -2.73 -0.62
CA ARG A 117 21.15 -3.96 0.13
C ARG A 117 19.87 -4.52 0.74
N HIS A 118 18.91 -3.66 1.08
CA HIS A 118 17.72 -4.11 1.80
C HIS A 118 16.41 -3.50 1.32
N TYR A 119 16.51 -2.37 0.63
CA TYR A 119 15.31 -1.63 0.24
C TYR A 119 14.74 -2.12 -1.10
N GLN A 120 14.23 -3.35 -1.09
CA GLN A 120 13.59 -3.92 -2.26
C GLN A 120 12.10 -4.10 -1.98
N MET A 121 11.46 -3.05 -1.48
CA MET A 121 10.05 -3.08 -1.07
C MET A 121 9.07 -3.36 -2.21
N TYR A 122 9.42 -2.99 -3.44
CA TYR A 122 8.57 -3.33 -4.58
C TYR A 122 8.50 -4.86 -4.76
N ASP A 123 9.66 -5.51 -4.84
CA ASP A 123 9.74 -6.97 -4.97
C ASP A 123 9.08 -7.64 -3.77
N TYR A 124 9.27 -7.06 -2.59
CA TYR A 124 8.67 -7.64 -1.40
C TYR A 124 7.13 -7.72 -1.47
N VAL A 125 6.50 -6.59 -1.77
CA VAL A 125 5.03 -6.51 -1.80
C VAL A 125 4.42 -7.24 -3.00
N VAL A 126 5.11 -7.18 -4.14
CA VAL A 126 4.60 -7.77 -5.38
C VAL A 126 4.85 -9.27 -5.44
N ASN A 127 6.04 -9.69 -5.03
CA ASN A 127 6.41 -11.09 -5.22
C ASN A 127 6.45 -11.94 -3.94
N GLU A 128 7.30 -11.57 -2.99
CA GLU A 128 7.51 -12.43 -1.83
C GLU A 128 6.27 -12.52 -0.91
N LEU A 129 5.77 -11.38 -0.48
CA LEU A 129 4.69 -11.35 0.50
C LEU A 129 3.44 -12.16 0.10
N PRO A 130 2.92 -11.97 -1.12
CA PRO A 130 1.73 -12.70 -1.58
C PRO A 130 1.96 -14.21 -1.62
N GLU A 131 3.17 -14.63 -1.98
CA GLU A 131 3.49 -16.05 -1.98
C GLU A 131 3.46 -16.61 -0.56
N LEU A 132 4.01 -15.86 0.38
CA LEU A 132 3.99 -16.23 1.79
C LEU A 132 2.56 -16.27 2.32
N ILE A 133 1.80 -15.21 2.09
CA ILE A 133 0.42 -15.15 2.56
C ILE A 133 -0.39 -16.36 2.06
N GLU A 134 -0.29 -16.65 0.76
CA GLU A 134 -1.10 -17.71 0.18
C GLU A 134 -0.66 -19.09 0.63
N SER A 135 0.57 -19.23 1.08
CA SER A 135 1.01 -20.54 1.54
C SER A 135 0.69 -20.74 3.03
N MET A 136 0.48 -19.65 3.76
CA MET A 136 0.24 -19.73 5.21
C MET A 136 -1.22 -19.77 5.61
N PHE A 137 -2.04 -19.02 4.90
CA PHE A 137 -3.39 -18.70 5.35
C PHE A 137 -4.45 -19.26 4.41
N PRO A 138 -5.68 -19.42 4.92
CA PRO A 138 -6.76 -19.91 4.08
C PRO A 138 -7.29 -18.78 3.20
N VAL A 139 -6.56 -18.47 2.13
CA VAL A 139 -6.92 -17.40 1.24
C VAL A 139 -6.96 -17.90 -0.19
N SER A 140 -7.78 -17.27 -1.02
CA SER A 140 -7.83 -17.60 -2.43
C SER A 140 -6.71 -16.85 -3.13
N ASP A 141 -6.73 -16.86 -4.47
CA ASP A 141 -5.76 -16.10 -5.25
C ASP A 141 -6.35 -14.77 -5.72
N LYS A 142 -7.49 -14.39 -5.15
CA LYS A 142 -8.08 -13.10 -5.45
C LYS A 142 -7.47 -12.07 -4.51
N ARG A 143 -6.89 -11.03 -5.07
CA ARG A 143 -6.29 -9.98 -4.26
C ARG A 143 -6.60 -8.59 -4.82
N ALA A 144 -6.48 -7.59 -3.95
CA ALA A 144 -6.62 -6.21 -4.37
C ALA A 144 -5.61 -5.45 -3.56
N ILE A 145 -5.47 -4.16 -3.83
CA ILE A 145 -4.47 -3.41 -3.11
C ILE A 145 -4.92 -1.99 -2.89
N ALA A 146 -4.54 -1.43 -1.73
CA ALA A 146 -4.91 -0.08 -1.36
C ALA A 146 -3.82 0.52 -0.47
N GLY A 147 -3.86 1.83 -0.29
CA GLY A 147 -2.86 2.51 0.52
C GLY A 147 -3.12 3.98 0.79
N HIS A 148 -2.29 4.58 1.62
CA HIS A 148 -2.43 5.97 2.00
C HIS A 148 -1.13 6.71 1.84
N SER A 149 -1.18 7.84 1.13
CA SER A 149 0.00 8.67 0.90
C SER A 149 1.08 7.87 0.20
N MET A 150 2.26 7.83 0.81
CA MET A 150 3.37 7.05 0.24
C MET A 150 2.84 5.68 -0.11
N GLY A 151 1.93 5.18 0.71
CA GLY A 151 1.29 3.89 0.45
C GLY A 151 0.25 3.94 -0.65
N GLY A 152 -0.39 5.10 -0.82
CA GLY A 152 -1.30 5.29 -1.93
C GLY A 152 -0.53 5.29 -3.23
N HIS A 153 0.62 5.96 -3.23
CA HIS A 153 1.59 5.87 -4.32
C HIS A 153 1.96 4.39 -4.55
N GLY A 154 2.19 3.66 -3.46
CA GLY A 154 2.57 2.26 -3.55
C GLY A 154 1.52 1.40 -4.22
N ALA A 155 0.28 1.57 -3.77
CA ALA A 155 -0.84 0.77 -4.25
C ALA A 155 -1.12 1.04 -5.72
N LEU A 156 -1.19 2.33 -6.10
CA LEU A 156 -1.44 2.68 -7.49
C LEU A 156 -0.35 2.17 -8.44
N THR A 157 0.91 2.43 -8.11
CA THR A 157 1.99 2.04 -9.02
C THR A 157 2.04 0.52 -9.16
N ILE A 158 1.93 -0.18 -8.04
CA ILE A 158 1.98 -1.64 -8.07
C ILE A 158 0.80 -2.24 -8.86
N ALA A 159 -0.41 -1.71 -8.65
CA ALA A 159 -1.56 -2.19 -9.42
C ALA A 159 -1.40 -1.90 -10.92
N LEU A 160 -0.98 -0.67 -11.23
CA LEU A 160 -0.81 -0.24 -12.62
C LEU A 160 0.23 -1.09 -13.34
N ARG A 161 1.26 -1.50 -12.61
CA ARG A 161 2.32 -2.31 -13.21
C ARG A 161 2.02 -3.79 -13.23
N ASN A 162 1.01 -4.20 -12.47
CA ASN A 162 0.67 -5.61 -12.37
C ASN A 162 -0.83 -5.83 -12.51
N PRO A 163 -1.41 -5.33 -13.61
CA PRO A 163 -2.86 -5.29 -13.82
C PRO A 163 -3.53 -6.66 -13.69
N GLU A 164 -2.85 -7.71 -14.15
CA GLU A 164 -3.44 -9.05 -14.12
C GLU A 164 -3.42 -9.67 -12.72
N ARG A 165 -2.66 -9.09 -11.79
CA ARG A 165 -2.53 -9.64 -10.43
C ARG A 165 -3.54 -9.07 -9.42
N TYR A 166 -4.04 -7.86 -9.68
CA TYR A 166 -4.93 -7.17 -8.75
C TYR A 166 -6.28 -6.91 -9.37
N GLN A 167 -7.35 -7.20 -8.62
CA GLN A 167 -8.71 -7.03 -9.15
C GLN A 167 -9.17 -5.58 -9.10
N SER A 168 -8.61 -4.81 -8.17
CA SER A 168 -9.05 -3.44 -7.96
C SER A 168 -8.00 -2.76 -7.11
N VAL A 169 -7.95 -1.43 -7.16
CA VAL A 169 -6.99 -0.68 -6.37
C VAL A 169 -7.67 0.57 -5.84
N SER A 170 -7.30 1.01 -4.63
CA SER A 170 -7.81 2.28 -4.13
C SER A 170 -6.75 2.96 -3.29
N ALA A 171 -6.98 4.23 -2.97
CA ALA A 171 -6.01 4.97 -2.17
C ALA A 171 -6.64 6.14 -1.45
N PHE A 172 -6.06 6.49 -0.31
CA PHE A 172 -6.38 7.72 0.39
C PHE A 172 -5.18 8.66 0.24
N SER A 173 -5.43 9.86 -0.26
CA SER A 173 -4.38 10.90 -0.31
C SER A 173 -3.07 10.44 -0.95
N PRO A 174 -3.13 9.71 -2.07
CA PRO A 174 -1.88 9.21 -2.64
C PRO A 174 -0.93 10.32 -3.11
N ILE A 175 0.37 10.04 -3.10
CA ILE A 175 1.33 10.85 -3.84
C ILE A 175 1.22 10.43 -5.32
N ASN A 176 0.53 11.21 -6.13
CA ASN A 176 0.19 10.79 -7.49
C ASN A 176 1.29 10.99 -8.51
N ASN A 177 2.14 11.98 -8.25
CA ASN A 177 3.13 12.42 -9.25
C ASN A 177 4.44 12.66 -8.54
N PRO A 178 5.01 11.59 -7.96
CA PRO A 178 6.20 11.67 -7.08
C PRO A 178 7.42 12.32 -7.73
N VAL A 179 7.59 12.17 -9.04
CA VAL A 179 8.77 12.77 -9.68
C VAL A 179 8.68 14.29 -9.62
N ASN A 180 7.49 14.82 -9.35
CA ASN A 180 7.28 16.27 -9.29
C ASN A 180 6.99 16.86 -7.91
N CYS A 181 7.28 16.12 -6.85
CA CYS A 181 7.11 16.68 -5.51
C CYS A 181 8.32 16.38 -4.63
N PRO A 182 8.55 17.19 -3.60
CA PRO A 182 9.75 17.01 -2.76
C PRO A 182 9.86 15.63 -2.12
N TRP A 183 8.78 15.07 -1.59
CA TRP A 183 8.88 13.74 -0.96
C TRP A 183 9.41 12.72 -1.97
N GLY A 184 8.81 12.69 -3.17
CA GLY A 184 9.23 11.75 -4.20
C GLY A 184 10.65 12.00 -4.71
N GLN A 185 10.98 13.26 -4.94
CA GLN A 185 12.32 13.60 -5.44
C GLN A 185 13.41 13.27 -4.43
N LYS A 186 13.17 13.53 -3.16
CA LYS A 186 14.16 13.18 -2.16
C LYS A 186 14.35 11.66 -2.10
N ALA A 187 13.26 10.90 -2.04
CA ALA A 187 13.37 9.45 -1.95
C ALA A 187 14.00 8.83 -3.21
N PHE A 188 13.51 9.23 -4.38
CA PHE A 188 13.99 8.66 -5.65
C PHE A 188 15.47 8.98 -5.87
N THR A 189 15.87 10.21 -5.54
CA THR A 189 17.27 10.58 -5.72
C THR A 189 18.14 9.68 -4.84
N ALA A 190 17.69 9.42 -3.61
CA ALA A 190 18.47 8.59 -2.70
C ALA A 190 18.47 7.12 -3.11
N TYR A 191 17.28 6.58 -3.41
CA TYR A 191 17.13 5.15 -3.66
C TYR A 191 17.50 4.75 -5.10
N LEU A 192 17.17 5.63 -6.05
CA LEU A 192 17.24 5.30 -7.47
C LEU A 192 18.33 6.05 -8.21
N GLY A 193 18.85 7.12 -7.60
CA GLY A 193 19.92 7.90 -8.21
C GLY A 193 19.41 9.09 -9.02
N LYS A 194 20.34 9.79 -9.64
CA LYS A 194 20.04 11.05 -10.32
C LYS A 194 19.48 10.93 -11.74
N ASP A 195 19.48 9.72 -12.29
CA ASP A 195 18.92 9.54 -13.63
C ASP A 195 17.40 9.49 -13.54
N THR A 196 16.76 10.63 -13.75
CA THR A 196 15.31 10.74 -13.58
C THR A 196 14.50 9.82 -14.50
N ASP A 197 15.13 9.28 -15.53
CA ASP A 197 14.48 8.32 -16.42
C ASP A 197 14.06 7.05 -15.65
N THR A 198 14.86 6.67 -14.67
CA THR A 198 14.59 5.45 -13.88
C THR A 198 13.43 5.64 -12.89
N TRP A 199 13.02 6.88 -12.68
CA TRP A 199 11.95 7.21 -11.73
C TRP A 199 10.56 6.96 -12.34
N ARG A 200 10.50 6.93 -13.67
CA ARG A 200 9.22 6.94 -14.37
C ARG A 200 8.30 5.76 -14.07
N GLU A 201 8.88 4.59 -13.85
CA GLU A 201 8.09 3.39 -13.60
C GLU A 201 7.56 3.34 -12.15
N TYR A 202 7.82 4.41 -11.40
CA TYR A 202 7.38 4.50 -10.01
C TYR A 202 6.54 5.76 -9.76
N ASP A 203 5.92 6.26 -10.82
CA ASP A 203 5.07 7.44 -10.74
C ASP A 203 3.66 7.05 -11.21
N ALA A 204 2.70 7.03 -10.28
CA ALA A 204 1.36 6.58 -10.61
C ALA A 204 0.75 7.33 -11.80
N SER A 205 0.94 8.66 -11.84
CA SER A 205 0.33 9.47 -12.89
C SER A 205 0.94 9.15 -14.26
N LEU A 206 2.26 8.98 -14.30
CA LEU A 206 2.91 8.62 -15.56
C LEU A 206 2.47 7.22 -15.99
N LEU A 207 2.40 6.28 -15.05
CA LEU A 207 1.99 4.91 -15.35
C LEU A 207 0.55 4.87 -15.84
N MET A 208 -0.31 5.65 -15.21
CA MET A 208 -1.71 5.69 -15.60
C MET A 208 -1.86 6.22 -17.03
N ARG A 209 -1.07 7.22 -17.38
CA ARG A 209 -1.03 7.74 -18.76
C ARG A 209 -0.61 6.67 -19.76
N ALA A 210 0.21 5.72 -19.29
CA ALA A 210 0.84 4.76 -20.19
C ALA A 210 0.14 3.40 -20.22
N ALA A 211 -0.81 3.19 -19.30
CA ALA A 211 -1.47 1.89 -19.10
C ALA A 211 -2.12 1.32 -20.36
N LYS A 212 -1.93 0.02 -20.59
CA LYS A 212 -2.58 -0.68 -21.68
C LYS A 212 -3.67 -1.56 -21.10
N GLN A 213 -3.54 -1.87 -19.81
CA GLN A 213 -4.55 -2.65 -19.11
C GLN A 213 -5.01 -1.90 -17.87
N TYR A 214 -6.28 -2.04 -17.54
CA TYR A 214 -6.88 -1.20 -16.52
C TYR A 214 -7.23 -1.99 -15.27
N VAL A 215 -6.95 -1.40 -14.12
CA VAL A 215 -7.47 -1.88 -12.85
C VAL A 215 -8.40 -0.79 -12.30
N PRO A 216 -9.67 -1.12 -12.03
CA PRO A 216 -10.60 -0.12 -11.50
C PRO A 216 -10.03 0.57 -10.26
N ALA A 217 -10.07 1.90 -10.23
CA ALA A 217 -9.43 2.67 -9.17
C ALA A 217 -10.39 3.61 -8.48
N LEU A 218 -10.29 3.64 -7.15
CA LEU A 218 -11.03 4.57 -6.33
C LEU A 218 -10.03 5.33 -5.46
N VAL A 219 -10.09 6.66 -5.51
CA VAL A 219 -9.20 7.48 -4.72
C VAL A 219 -10.02 8.50 -3.94
N ASP A 220 -9.74 8.59 -2.64
CA ASP A 220 -10.34 9.61 -1.79
C ASP A 220 -9.29 10.60 -1.32
N GLN A 221 -9.62 11.88 -1.42
CA GLN A 221 -8.72 12.96 -1.03
C GLN A 221 -9.48 13.89 -0.09
N GLY A 222 -8.83 14.28 1.00
CA GLY A 222 -9.38 15.29 1.88
C GLY A 222 -9.01 16.68 1.39
N GLU A 223 -10.00 17.56 1.29
CA GLU A 223 -9.75 18.93 0.79
C GLU A 223 -8.99 19.77 1.80
N ALA A 224 -8.98 19.37 3.07
CA ALA A 224 -8.27 20.13 4.11
C ALA A 224 -6.91 19.52 4.42
N ASP A 225 -6.47 18.62 3.55
CA ASP A 225 -5.17 17.95 3.64
C ASP A 225 -4.06 18.96 3.34
N ASN A 226 -3.19 19.21 4.32
CA ASN A 226 -2.13 20.22 4.15
C ASN A 226 -1.06 19.90 3.11
N PHE A 227 -0.98 18.64 2.68
CA PHE A 227 0.04 18.24 1.71
C PHE A 227 -0.50 18.23 0.27
N LEU A 228 -1.77 18.57 0.11
CA LEU A 228 -2.48 18.32 -1.15
C LEU A 228 -1.77 18.91 -2.37
N ALA A 229 -1.47 20.21 -2.33
CA ALA A 229 -0.93 20.86 -3.51
C ALA A 229 0.54 20.53 -3.71
N GLU A 230 1.30 20.49 -2.63
CA GLU A 230 2.74 20.31 -2.74
C GLU A 230 3.21 18.87 -2.94
N GLN A 231 2.52 17.90 -2.33
CA GLN A 231 2.98 16.51 -2.37
C GLN A 231 2.08 15.58 -3.16
N LEU A 232 0.78 15.84 -3.15
CA LEU A 232 -0.19 14.81 -3.54
C LEU A 232 -0.72 14.97 -4.96
N LYS A 233 -1.18 16.18 -5.28
CA LYS A 233 -1.57 16.54 -6.64
C LYS A 233 -2.63 15.62 -7.29
N PRO A 234 -3.79 15.50 -6.64
CA PRO A 234 -4.88 14.69 -7.20
C PRO A 234 -5.31 15.10 -8.61
N GLU A 235 -5.25 16.40 -8.90
CA GLU A 235 -5.65 16.88 -10.22
C GLU A 235 -4.76 16.26 -11.33
N VAL A 236 -3.51 15.95 -10.98
CA VAL A 236 -2.61 15.35 -11.96
C VAL A 236 -3.07 13.92 -12.26
N LEU A 237 -3.53 13.22 -11.22
CA LEU A 237 -4.03 11.87 -11.44
C LEU A 237 -5.30 11.90 -12.30
N GLU A 238 -6.18 12.88 -12.04
CA GLU A 238 -7.38 13.06 -12.84
C GLU A 238 -7.03 13.33 -14.31
N ALA A 239 -6.02 14.17 -14.54
CA ALA A 239 -5.59 14.48 -15.91
C ALA A 239 -5.10 13.22 -16.60
N ALA A 240 -4.30 12.42 -15.90
CA ALA A 240 -3.76 11.19 -16.48
C ALA A 240 -4.88 10.25 -16.88
N ALA A 241 -5.86 10.10 -16.00
CA ALA A 241 -6.99 9.21 -16.24
C ALA A 241 -7.80 9.62 -17.46
N SER A 242 -8.07 10.93 -17.58
CA SER A 242 -8.85 11.46 -18.69
C SER A 242 -8.13 11.32 -20.03
N SER A 243 -6.81 11.22 -19.99
CA SER A 243 -6.04 11.16 -21.22
C SER A 243 -5.89 9.73 -21.72
N ASN A 244 -6.32 8.78 -20.90
CA ASN A 244 -6.09 7.37 -21.25
C ASN A 244 -7.29 6.48 -20.95
N ASN A 245 -8.49 7.06 -20.97
CA ASN A 245 -9.72 6.32 -20.69
C ASN A 245 -9.64 5.52 -19.38
N TYR A 246 -8.90 6.02 -18.39
CA TYR A 246 -8.68 5.19 -17.22
C TYR A 246 -9.89 5.14 -16.29
N PRO A 247 -10.28 3.93 -15.83
CA PRO A 247 -11.40 3.77 -14.90
C PRO A 247 -11.09 4.24 -13.48
N LEU A 248 -11.00 5.55 -13.28
CA LEU A 248 -10.68 6.14 -11.99
C LEU A 248 -11.88 6.92 -11.47
N GLU A 249 -12.27 6.66 -10.22
CA GLU A 249 -13.18 7.57 -9.54
C GLU A 249 -12.41 8.30 -8.45
N LEU A 250 -12.32 9.61 -8.56
CA LEU A 250 -11.60 10.36 -7.54
C LEU A 250 -12.58 11.26 -6.82
N ARG A 251 -12.67 11.09 -5.51
CA ARG A 251 -13.62 11.84 -4.68
C ARG A 251 -12.88 12.76 -3.74
N SER A 252 -13.38 13.98 -3.65
CA SER A 252 -12.79 15.01 -2.84
C SER A 252 -13.74 15.34 -1.71
N HIS A 253 -13.22 15.43 -0.49
CA HIS A 253 -14.06 15.59 0.70
C HIS A 253 -13.75 16.83 1.51
N GLU A 254 -14.71 17.76 1.56
CA GLU A 254 -14.55 19.04 2.26
C GLU A 254 -14.28 18.82 3.75
N GLY A 255 -13.30 19.54 4.28
CA GLY A 255 -13.04 19.52 5.72
C GLY A 255 -12.13 18.41 6.21
N TYR A 256 -12.01 17.33 5.43
CA TYR A 256 -11.21 16.18 5.85
C TYR A 256 -9.72 16.36 5.56
N ASP A 257 -8.88 15.82 6.44
CA ASP A 257 -7.45 15.97 6.31
C ASP A 257 -6.69 14.71 5.87
N HIS A 258 -5.42 14.64 6.26
CA HIS A 258 -4.50 13.59 5.82
C HIS A 258 -4.45 12.42 6.76
N SER A 259 -5.06 12.55 7.94
CA SER A 259 -4.91 11.59 9.03
C SER A 259 -5.79 10.33 8.92
N TYR A 260 -5.60 9.41 9.87
CA TYR A 260 -6.43 8.21 9.93
C TYR A 260 -7.87 8.50 10.34
N TYR A 261 -8.14 9.69 10.88
CA TYR A 261 -9.52 10.13 11.12
C TYR A 261 -10.28 10.22 9.78
N PHE A 262 -9.60 10.75 8.77
CA PHE A 262 -10.15 10.76 7.40
C PHE A 262 -10.29 9.33 6.84
N ILE A 263 -9.21 8.56 6.91
CA ILE A 263 -9.26 7.19 6.42
C ILE A 263 -10.41 6.38 7.05
N ALA A 264 -10.51 6.43 8.37
CA ALA A 264 -11.52 5.66 9.07
C ALA A 264 -12.93 6.07 8.63
N SER A 265 -13.08 7.34 8.28
CA SER A 265 -14.39 7.90 7.94
C SER A 265 -14.92 7.36 6.61
N PHE A 266 -14.02 6.86 5.77
CA PHE A 266 -14.41 6.38 4.44
C PHE A 266 -13.91 4.98 4.08
N ILE A 267 -13.22 4.31 5.00
CA ILE A 267 -12.63 3.01 4.67
C ILE A 267 -13.68 1.95 4.30
N GLU A 268 -14.88 2.05 4.86
CA GLU A 268 -15.95 1.11 4.50
C GLU A 268 -16.34 1.14 3.01
N ASP A 269 -16.38 2.32 2.41
CA ASP A 269 -16.57 2.47 0.96
C ASP A 269 -15.50 1.70 0.18
N HIS A 270 -14.27 1.78 0.66
CA HIS A 270 -13.16 1.08 0.01
C HIS A 270 -13.33 -0.42 0.09
N LEU A 271 -13.67 -0.93 1.28
CA LEU A 271 -13.91 -2.36 1.45
C LEU A 271 -15.04 -2.87 0.55
N ARG A 272 -16.14 -2.13 0.47
CA ARG A 272 -17.25 -2.53 -0.41
C ARG A 272 -16.82 -2.51 -1.88
N PHE A 273 -16.10 -1.47 -2.27
CA PHE A 273 -15.49 -1.37 -3.60
C PHE A 273 -14.63 -2.60 -3.93
N HIS A 274 -13.69 -2.92 -3.04
CA HIS A 274 -12.82 -4.07 -3.27
C HIS A 274 -13.60 -5.38 -3.25
N SER A 275 -14.57 -5.49 -2.36
CA SER A 275 -15.39 -6.68 -2.29
C SER A 275 -16.07 -6.93 -3.64
N ASN A 276 -16.57 -5.88 -4.26
CA ASN A 276 -17.19 -5.99 -5.59
C ASN A 276 -16.31 -6.71 -6.59
N TYR A 277 -15.01 -6.42 -6.58
CA TYR A 277 -14.11 -6.95 -7.59
C TYR A 277 -13.38 -8.23 -7.16
N LEU A 278 -13.22 -8.40 -5.84
CA LEU A 278 -12.58 -9.60 -5.31
C LEU A 278 -13.43 -10.85 -5.57
N ASN A 279 -14.75 -10.69 -5.42
CA ASN A 279 -15.68 -11.80 -5.61
C ASN A 279 -16.09 -12.02 -7.06
BR BR B . 2.77 9.12 3.68
#